data_7BZB
#
_entry.id   7BZB
#
_cell.length_a   64.562
_cell.length_b   80.925
_cell.length_c   125.776
_cell.angle_alpha   90.000
_cell.angle_beta   90.000
_cell.angle_gamma   90.000
#
_symmetry.space_group_name_H-M   'P 21 2 21'
#
loop_
_entity.id
_entity.type
_entity.pdbx_description
1 polymer 'Terpenoid synthase 18'
2 non-polymer 'MAGNESIUM ION'
3 non-polymer PYROPHOSPHATE
4 water water
#
_entity_poly.entity_id   1
_entity_poly.type   'polypeptide(L)'
_entity_poly.pdbx_seq_one_letter_code
;MDATRTFFGLPNVHNVPLCLTSNLSLFPQRLLQKHTLPLKPAKKHHLVCVRSTKSSDDLEGSRPSTYFSPSLWGDHFLSV
SLDRGEFDELEREIETMKPLVKDMLMSSQSSDKEKIRLIHLLVSLGSSYHFDKEIQDILKHSFTKLDDIIVGEDDLETIS
IMFEVFRLYGHKMSCDAFDRFRGEDGRFKESLAKDVRGMLQLFEVAHLGTPSEDIMDEASSFAQNHLDSWIGGNVSGATP
HLLKHIQNSLYIPRYCNIEVLVAREYISYYEQEEGHNKILLKFAKLNFNFCQFHYIQELKTLTKWWKDLDLASKLPYIRD
RLVESHLGGLGPYFEPHYSLGRIIVAKIIMTMVVVDDTYDAHATVPEVAVLTECLQRLNIGADDKLPDYLRTVLESVFEV
MGEIEQEMRPKGRSYGVKQVLERFKNVAKADKQLTEWARTGDVPSFDEYMKVGLVTAGMDGYAGYCFIGMEDVSEKEAFE
WLSSNPLIIQALNVMFRLANDVGTYETEINRGEVANGLNCYMKQYGVTKEEASQELRKIYSNNKKVVMEEFMNSHDHVPR
QVLLRCLNFARLFDVMYTEGDGYSEPKGKIEHFMTSLYVHPIPLS
;
_entity_poly.pdbx_strand_id   A
#
loop_
_chem_comp.id
_chem_comp.type
_chem_comp.name
_chem_comp.formula
MG non-polymer 'MAGNESIUM ION' 'Mg 2'
PPV non-polymer PYROPHOSPHATE 'H4 O7 P2'
#
# COMPACT_ATOMS: atom_id res chain seq x y z
N SER A 71 0.17 1.50 -23.52
CA SER A 71 -0.08 2.51 -24.52
C SER A 71 0.47 3.83 -24.03
N LEU A 72 1.75 4.04 -24.33
CA LEU A 72 2.67 5.28 -24.19
C LEU A 72 3.30 5.56 -22.90
N TRP A 73 3.29 4.60 -21.99
CA TRP A 73 4.34 4.65 -20.96
C TRP A 73 4.77 3.24 -21.30
N GLY A 74 3.90 2.38 -21.76
CA GLY A 74 4.26 1.18 -22.49
C GLY A 74 5.45 1.27 -23.42
N ASP A 75 5.35 2.13 -24.40
CA ASP A 75 6.41 2.29 -25.36
C ASP A 75 7.63 2.80 -24.69
N HIS A 76 7.46 3.73 -23.80
CA HIS A 76 8.57 4.22 -23.06
C HIS A 76 9.41 3.13 -22.38
N PHE A 77 8.79 2.23 -21.65
CA PHE A 77 9.54 1.26 -20.90
C PHE A 77 10.05 0.15 -21.81
N LEU A 78 9.35 -0.12 -22.88
CA LEU A 78 9.80 -1.05 -23.89
C LEU A 78 11.16 -0.68 -24.42
N SER A 79 11.44 0.59 -24.50
CA SER A 79 12.62 1.08 -25.21
C SER A 79 13.67 1.76 -24.31
N VAL A 80 13.45 1.78 -23.01
CA VAL A 80 14.43 2.41 -22.11
C VAL A 80 15.69 1.53 -22.00
N SER A 81 16.86 2.14 -21.93
CA SER A 81 18.12 1.40 -21.87
C SER A 81 18.56 1.09 -20.45
N LEU A 82 18.69 -0.19 -20.15
CA LEU A 82 19.07 -0.64 -18.82
C LEU A 82 20.45 -1.27 -18.87
N ASP A 83 21.47 -0.50 -18.49
CA ASP A 83 22.84 -1.03 -18.52
C ASP A 83 23.08 -2.00 -17.37
N ARG A 84 23.28 -3.27 -17.70
CA ARG A 84 23.49 -4.29 -16.66
C ARG A 84 24.76 -4.02 -15.85
N GLY A 85 25.73 -3.37 -16.48
CA GLY A 85 26.96 -3.02 -15.80
C GLY A 85 26.66 -2.12 -14.63
N GLU A 86 25.78 -1.13 -14.84
CA GLU A 86 25.38 -0.19 -13.80
C GLU A 86 24.60 -0.90 -12.66
N PHE A 87 23.72 -1.84 -13.03
CA PHE A 87 23.05 -2.67 -12.06
C PHE A 87 24.07 -3.33 -11.16
N ASP A 88 25.02 -4.01 -11.79
CA ASP A 88 26.06 -4.75 -11.08
C ASP A 88 26.88 -3.88 -10.14
N GLU A 89 27.20 -2.67 -10.59
CA GLU A 89 28.00 -1.73 -9.81
C GLU A 89 27.21 -1.22 -8.58
N LEU A 90 25.94 -0.89 -8.78
CA LEU A 90 25.07 -0.52 -7.67
C LEU A 90 25.05 -1.62 -6.61
N GLU A 91 24.79 -2.85 -7.03
CA GLU A 91 24.76 -3.98 -6.12
C GLU A 91 26.06 -4.14 -5.34
N ARG A 92 27.17 -4.10 -6.08
CA ARG A 92 28.50 -4.18 -5.52
C ARG A 92 28.75 -3.10 -4.43
N GLU A 93 28.42 -1.85 -4.72
CA GLU A 93 28.65 -0.74 -3.77
C GLU A 93 27.76 -0.81 -2.55
N ILE A 94 26.55 -1.35 -2.73
CA ILE A 94 25.63 -1.59 -1.63
C ILE A 94 26.20 -2.67 -0.69
N GLU A 95 26.74 -3.72 -1.31
CA GLU A 95 27.31 -4.83 -0.56
C GLU A 95 28.52 -4.36 0.24
N THR A 96 29.28 -3.45 -0.33
CA THR A 96 30.49 -2.95 0.28
C THR A 96 30.18 -2.08 1.50
N MET A 97 29.15 -1.26 1.40
CA MET A 97 28.79 -0.36 2.50
C MET A 97 28.01 -1.03 3.60
N LYS A 98 27.26 -2.07 3.26
CA LYS A 98 26.44 -2.78 4.24
C LYS A 98 27.11 -3.11 5.60
N PRO A 99 28.38 -3.61 5.60
CA PRO A 99 28.95 -3.94 6.91
C PRO A 99 29.18 -2.71 7.77
N LEU A 100 29.44 -1.56 7.14
CA LEU A 100 29.64 -0.32 7.89
C LEU A 100 28.36 0.08 8.58
N VAL A 101 27.22 -0.06 7.90
CA VAL A 101 25.94 0.33 8.48
C VAL A 101 25.57 -0.66 9.59
N LYS A 102 25.80 -1.95 9.35
CA LYS A 102 25.54 -2.96 10.36
C LYS A 102 26.39 -2.73 11.63
N ASP A 103 27.61 -2.22 11.46
CA ASP A 103 28.47 -1.91 12.61
C ASP A 103 27.77 -0.86 13.49
N MET A 104 27.15 0.12 12.83
CA MET A 104 26.44 1.20 13.53
C MET A 104 25.32 0.63 14.42
N LEU A 105 24.55 -0.31 13.86
CA LEU A 105 23.49 -1.00 14.60
C LEU A 105 23.97 -1.86 15.76
N MET A 106 25.13 -2.50 15.61
CA MET A 106 25.57 -3.48 16.59
C MET A 106 26.55 -2.85 17.58
N SER A 107 26.80 -1.55 17.43
CA SER A 107 27.76 -0.86 18.28
C SER A 107 27.46 -1.04 19.76
N SER A 108 28.47 -1.41 20.53
CA SER A 108 28.35 -1.55 21.98
C SER A 108 28.38 -0.19 22.65
N GLN A 109 28.85 0.81 21.91
CA GLN A 109 29.05 2.17 22.41
C GLN A 109 27.79 3.03 22.42
N SER A 110 26.74 2.64 21.69
CA SER A 110 25.53 3.46 21.65
C SER A 110 24.42 2.90 22.54
N SER A 111 23.59 3.79 23.09
CA SER A 111 22.45 3.39 23.91
C SER A 111 21.31 2.77 23.11
N ASP A 112 20.33 2.21 23.83
CA ASP A 112 19.11 1.71 23.19
C ASP A 112 18.43 2.84 22.45
N LYS A 113 18.33 4.00 23.10
CA LYS A 113 17.76 5.21 22.50
C LYS A 113 18.40 5.56 21.15
N GLU A 114 19.73 5.59 21.13
CA GLU A 114 20.45 5.93 19.92
C GLU A 114 20.23 4.88 18.85
N LYS A 115 20.13 3.61 19.26
CA LYS A 115 19.86 2.57 18.28
C LYS A 115 18.45 2.71 17.66
N ILE A 116 17.48 3.16 18.46
CA ILE A 116 16.13 3.35 17.94
C ILE A 116 16.10 4.53 16.94
N ARG A 117 16.82 5.60 17.26
CA ARG A 117 16.96 6.74 16.35
C ARG A 117 17.53 6.31 15.01
N LEU A 118 18.53 5.43 15.07
CA LEU A 118 19.19 4.93 13.87
C LEU A 118 18.23 4.05 13.07
N ILE A 119 17.52 3.17 13.77
CA ILE A 119 16.55 2.31 13.13
C ILE A 119 15.50 3.17 12.43
N HIS A 120 15.03 4.23 13.10
CA HIS A 120 14.06 5.15 12.50
C HIS A 120 14.60 5.78 11.21
N LEU A 121 15.84 6.25 11.26
CA LEU A 121 16.50 6.82 10.10
C LEU A 121 16.65 5.80 8.93
N LEU A 122 16.99 4.55 9.26
CA LEU A 122 17.09 3.49 8.23
C LEU A 122 15.72 3.21 7.60
N VAL A 123 14.68 3.17 8.42
CA VAL A 123 13.29 3.07 7.96
C VAL A 123 12.97 4.22 7.02
N SER A 124 13.18 5.44 7.52
CA SER A 124 12.91 6.65 6.75
C SER A 124 13.58 6.64 5.37
N LEU A 125 14.78 6.09 5.31
CA LEU A 125 15.60 6.07 4.09
C LEU A 125 15.40 4.79 3.24
N GLY A 126 14.38 3.99 3.56
CA GLY A 126 14.09 2.80 2.77
C GLY A 126 15.18 1.76 2.83
N SER A 127 15.95 1.76 3.92
CA SER A 127 17.17 0.96 3.96
C SER A 127 17.22 -0.06 5.10
N SER A 128 16.16 -0.15 5.89
CA SER A 128 16.14 -1.05 7.04
C SER A 128 16.16 -2.52 6.66
N TYR A 129 15.61 -2.87 5.51
CA TYR A 129 15.43 -4.28 5.17
C TYR A 129 16.76 -5.04 5.06
N HIS A 130 17.85 -4.31 4.81
CA HIS A 130 19.17 -4.95 4.74
C HIS A 130 19.57 -5.57 6.08
N PHE A 131 18.94 -5.11 7.16
CA PHE A 131 19.34 -5.49 8.50
C PHE A 131 18.14 -5.92 9.34
N ASP A 132 17.15 -6.51 8.69
CA ASP A 132 15.90 -6.82 9.37
C ASP A 132 16.09 -7.75 10.54
N LYS A 133 16.94 -8.76 10.37
CA LYS A 133 17.22 -9.70 11.44
C LYS A 133 17.71 -8.96 12.68
N GLU A 134 18.83 -8.24 12.52
CA GLU A 134 19.41 -7.47 13.61
C GLU A 134 18.39 -6.49 14.19
N ILE A 135 17.69 -5.75 13.32
CA ILE A 135 16.77 -4.73 13.82
C ILE A 135 15.68 -5.38 14.67
N GLN A 136 15.09 -6.47 14.19
CA GLN A 136 14.00 -7.10 14.92
C GLN A 136 14.46 -7.55 16.29
N ASP A 137 15.67 -8.06 16.37
CA ASP A 137 16.20 -8.57 17.64
C ASP A 137 16.50 -7.42 18.61
N ILE A 138 17.07 -6.34 18.09
CA ILE A 138 17.34 -5.15 18.87
C ILE A 138 16.06 -4.63 19.52
N LEU A 139 14.95 -4.69 18.77
CA LEU A 139 13.72 -4.08 19.24
C LEU A 139 12.96 -5.02 20.18
N LYS A 140 13.05 -6.32 19.94
CA LYS A 140 12.44 -7.30 20.84
C LYS A 140 13.02 -7.17 22.24
N HIS A 141 14.34 -6.98 22.32
CA HIS A 141 15.02 -6.78 23.61
C HIS A 141 14.69 -5.40 24.19
N SER A 142 14.88 -4.38 23.37
CA SER A 142 14.64 -3.01 23.78
C SER A 142 13.21 -2.80 24.31
N PHE A 143 12.22 -3.49 23.73
CA PHE A 143 10.83 -3.27 24.13
C PHE A 143 10.59 -3.73 25.56
N THR A 144 11.30 -4.78 25.98
CA THR A 144 11.10 -5.31 27.33
C THR A 144 11.62 -4.32 28.37
N LYS A 145 12.61 -3.51 27.98
CA LYS A 145 13.16 -2.48 28.85
C LYS A 145 12.46 -1.14 28.67
N LEU A 146 11.35 -1.11 27.94
CA LEU A 146 10.80 0.17 27.48
C LEU A 146 10.39 1.13 28.61
N ASP A 147 9.72 0.63 29.64
CA ASP A 147 9.38 1.46 30.80
C ASP A 147 10.63 2.14 31.38
N ASP A 148 11.69 1.35 31.57
CA ASP A 148 12.97 1.88 32.02
C ASP A 148 13.50 2.98 31.11
N ILE A 149 13.53 2.71 29.80
CA ILE A 149 14.12 3.63 28.83
C ILE A 149 13.48 5.03 28.83
N ILE A 150 12.16 5.10 28.94
CA ILE A 150 11.50 6.39 28.83
C ILE A 150 11.37 7.14 30.18
N VAL A 151 11.82 6.54 31.27
CA VAL A 151 11.76 7.24 32.56
C VAL A 151 12.55 8.54 32.46
N GLY A 152 11.84 9.65 32.60
CA GLY A 152 12.45 10.98 32.55
C GLY A 152 12.70 11.51 31.16
N GLU A 153 12.27 10.75 30.15
CA GLU A 153 12.43 11.14 28.76
C GLU A 153 11.31 12.10 28.38
N ASP A 154 11.63 13.38 28.24
CA ASP A 154 10.60 14.38 28.03
C ASP A 154 10.75 15.07 26.67
N ASP A 155 11.56 14.50 25.79
CA ASP A 155 11.71 15.02 24.45
C ASP A 155 10.61 14.48 23.55
N LEU A 156 9.75 15.37 23.03
CA LEU A 156 8.61 14.95 22.21
C LEU A 156 9.03 14.11 21.00
N GLU A 157 10.02 14.59 20.24
CA GLU A 157 10.46 13.85 19.05
C GLU A 157 10.97 12.46 19.39
N THR A 158 11.69 12.35 20.50
CA THR A 158 12.25 11.06 20.91
C THR A 158 11.16 10.03 21.23
N ILE A 159 10.22 10.41 22.09
CA ILE A 159 9.11 9.54 22.47
C ILE A 159 8.32 9.12 21.23
N SER A 160 8.11 10.08 20.34
CA SER A 160 7.31 9.83 19.15
C SER A 160 8.06 8.98 18.13
N ILE A 161 9.38 9.14 18.07
CA ILE A 161 10.20 8.33 17.18
C ILE A 161 10.14 6.88 17.69
N MET A 162 10.26 6.71 19.00
CA MET A 162 10.14 5.39 19.60
C MET A 162 8.80 4.77 19.34
N PHE A 163 7.75 5.58 19.41
CA PHE A 163 6.39 5.10 19.18
C PHE A 163 6.24 4.55 17.76
N GLU A 164 6.77 5.26 16.76
CA GLU A 164 6.74 4.78 15.38
C GLU A 164 7.46 3.46 15.19
N VAL A 165 8.69 3.40 15.70
CA VAL A 165 9.57 2.26 15.48
C VAL A 165 9.00 0.98 16.12
N PHE A 166 8.61 1.04 17.40
CA PHE A 166 8.10 -0.16 18.04
C PHE A 166 6.81 -0.64 17.39
N ARG A 167 5.88 0.28 17.10
CA ARG A 167 4.61 -0.14 16.50
C ARG A 167 4.82 -0.70 15.09
N LEU A 168 5.62 -0.03 14.26
CA LEU A 168 5.98 -0.53 12.92
C LEU A 168 6.49 -1.97 13.01
N TYR A 169 7.15 -2.27 14.12
CA TYR A 169 7.76 -3.58 14.28
C TYR A 169 6.92 -4.50 15.16
N GLY A 170 5.63 -4.19 15.30
CA GLY A 170 4.69 -5.11 15.93
C GLY A 170 4.73 -5.07 17.45
N HIS A 171 5.36 -4.04 18.01
CA HIS A 171 5.39 -3.85 19.46
C HIS A 171 4.48 -2.70 19.80
N LYS A 172 3.37 -3.01 20.46
CA LYS A 172 2.39 -1.99 20.80
C LYS A 172 2.86 -1.08 21.94
N MET A 173 3.63 -0.05 21.62
CA MET A 173 4.01 0.92 22.62
C MET A 173 2.74 1.65 23.01
N SER A 174 2.60 1.90 24.31
CA SER A 174 1.36 2.46 24.85
C SER A 174 1.27 3.95 24.56
N CYS A 175 0.06 4.42 24.28
CA CYS A 175 -0.21 5.86 24.17
C CYS A 175 -0.04 6.62 25.50
N ASP A 176 0.07 5.90 26.61
CA ASP A 176 0.29 6.54 27.91
C ASP A 176 1.60 7.33 27.93
N ALA A 177 2.50 6.99 27.00
CA ALA A 177 3.77 7.69 26.84
C ALA A 177 3.59 9.16 26.49
N PHE A 178 2.43 9.47 25.99
CA PHE A 178 2.13 10.82 25.62
C PHE A 178 1.51 11.63 26.78
N ASP A 179 1.13 10.95 27.85
CA ASP A 179 0.61 11.61 29.07
C ASP A 179 1.50 12.76 29.55
N ARG A 180 2.80 12.53 29.63
CA ARG A 180 3.79 13.54 29.94
C ARG A 180 3.87 14.80 29.10
N PHE A 181 3.27 14.77 27.93
CA PHE A 181 3.17 15.96 27.15
C PHE A 181 1.80 16.63 27.30
N ARG A 182 0.97 16.04 28.15
CA ARG A 182 -0.37 16.56 28.44
C ARG A 182 -0.49 17.24 29.82
N GLY A 183 -0.95 18.48 29.84
CA GLY A 183 -1.47 19.12 31.04
C GLY A 183 -2.86 18.68 31.47
N GLU A 184 -3.39 19.30 32.51
CA GLU A 184 -4.46 18.65 33.21
C GLU A 184 -5.86 19.09 32.82
N ASP A 185 -5.99 20.09 31.95
CA ASP A 185 -6.28 19.85 30.54
C ASP A 185 -6.09 20.97 29.55
N GLY A 186 -5.62 20.57 28.38
CA GLY A 186 -6.40 20.62 27.16
C GLY A 186 -5.95 19.69 26.07
N ARG A 187 -5.98 18.42 26.37
CA ARG A 187 -4.84 17.79 26.91
C ARG A 187 -3.44 18.20 26.47
N PHE A 188 -3.16 18.27 25.18
CA PHE A 188 -1.77 18.47 24.73
C PHE A 188 -1.26 19.88 25.03
N LYS A 189 -0.08 19.94 25.60
CA LYS A 189 0.54 21.16 26.12
C LYS A 189 0.87 22.16 25.05
N GLU A 190 0.47 23.40 25.25
CA GLU A 190 0.72 24.43 24.29
C GLU A 190 2.17 24.86 24.18
N SER A 191 2.98 24.53 25.16
CA SER A 191 4.40 24.76 25.10
C SER A 191 5.17 23.87 24.12
N LEU A 192 4.59 22.73 23.76
CA LEU A 192 5.02 21.93 22.64
C LEU A 192 4.80 22.69 21.37
N ALA A 193 5.44 23.83 21.21
CA ALA A 193 5.39 24.50 19.92
C ALA A 193 6.63 25.22 19.55
N LYS A 194 7.61 25.17 20.42
CA LYS A 194 8.95 25.49 20.07
C LYS A 194 9.48 24.23 19.47
N ASP A 195 8.78 23.16 19.74
CA ASP A 195 9.24 21.85 19.29
C ASP A 195 8.59 21.49 17.95
N VAL A 196 9.08 22.10 16.88
CA VAL A 196 8.55 21.91 15.54
C VAL A 196 8.85 20.51 15.03
N ARG A 197 10.09 20.08 15.23
CA ARG A 197 10.49 18.73 14.85
C ARG A 197 9.71 17.69 15.65
N GLY A 198 9.55 17.90 16.95
CA GLY A 198 8.81 16.98 17.80
C GLY A 198 7.36 16.83 17.36
N MET A 199 6.75 17.96 16.99
CA MET A 199 5.35 17.99 16.60
C MET A 199 5.13 17.32 15.24
N LEU A 200 6.12 17.44 14.35
CA LEU A 200 6.08 16.73 13.08
C LEU A 200 5.95 15.22 13.29
N GLN A 201 6.83 14.67 14.13
CA GLN A 201 6.79 13.24 14.43
C GLN A 201 5.52 12.84 15.19
N LEU A 202 5.03 13.73 16.06
CA LEU A 202 3.78 13.49 16.77
C LEU A 202 2.63 13.38 15.77
N PHE A 203 2.58 14.31 14.83
CA PHE A 203 1.61 14.24 13.76
C PHE A 203 1.72 12.90 13.07
N GLU A 204 2.96 12.53 12.72
CA GLU A 204 3.17 11.35 11.93
C GLU A 204 2.63 10.12 12.65
N VAL A 205 2.91 10.01 13.95
CA VAL A 205 2.55 8.80 14.66
C VAL A 205 1.09 8.80 15.07
N ALA A 206 0.44 9.95 14.94
CA ALA A 206 -1.01 10.04 15.11
C ALA A 206 -1.76 9.19 14.06
N HIS A 207 -1.04 8.64 13.08
CA HIS A 207 -1.66 7.78 12.07
C HIS A 207 -1.38 6.32 12.37
N LEU A 208 -0.91 6.06 13.59
CA LEU A 208 -0.56 4.70 13.97
C LEU A 208 -1.47 4.21 15.11
N GLY A 209 -2.67 4.79 15.19
CA GLY A 209 -3.59 4.44 16.26
C GLY A 209 -4.35 3.14 16.12
N THR A 210 -4.81 2.66 17.26
CA THR A 210 -5.69 1.51 17.43
C THR A 210 -7.14 2.03 17.53
N PRO A 211 -8.16 1.17 17.25
CA PRO A 211 -9.54 1.69 17.29
C PRO A 211 -9.93 2.42 18.59
N SER A 212 -9.42 1.98 19.72
CA SER A 212 -9.80 2.52 21.03
C SER A 212 -9.06 3.77 21.37
N GLU A 213 -7.94 3.99 20.72
CA GLU A 213 -7.05 5.09 21.02
C GLU A 213 -7.56 6.42 20.53
N ASP A 214 -8.53 6.97 21.23
CA ASP A 214 -9.05 8.29 20.95
C ASP A 214 -8.01 9.41 20.97
N ILE A 215 -7.00 9.32 21.81
CA ILE A 215 -5.99 10.35 21.89
C ILE A 215 -5.23 10.66 20.60
N MET A 216 -5.02 9.67 19.75
CA MET A 216 -4.30 9.90 18.51
C MET A 216 -4.96 10.93 17.64
N ASP A 217 -6.26 10.84 17.52
CA ASP A 217 -7.01 11.86 16.82
C ASP A 217 -6.88 13.24 17.45
N GLU A 218 -6.85 13.31 18.78
CA GLU A 218 -6.51 14.55 19.48
C GLU A 218 -5.12 15.03 19.12
N ALA A 219 -4.16 14.12 19.11
CA ALA A 219 -2.79 14.46 18.72
C ALA A 219 -2.62 14.90 17.28
N SER A 220 -3.22 14.18 16.35
CA SER A 220 -3.24 14.61 14.97
C SER A 220 -3.66 16.06 14.78
N SER A 221 -4.75 16.44 15.40
CA SER A 221 -5.27 17.80 15.27
C SER A 221 -4.41 18.85 15.91
N PHE A 222 -4.00 18.56 17.13
CA PHE A 222 -3.04 19.38 17.81
C PHE A 222 -1.83 19.66 16.95
N ALA A 223 -1.15 18.63 16.49
CA ALA A 223 0.04 18.82 15.70
C ALA A 223 -0.21 19.64 14.45
N GLN A 224 -1.22 19.26 13.69
CA GLN A 224 -1.54 19.89 12.41
C GLN A 224 -1.79 21.38 12.55
N ASN A 225 -2.66 21.73 13.49
CA ASN A 225 -3.00 23.12 13.76
C ASN A 225 -1.76 23.95 14.03
N HIS A 226 -0.92 23.50 14.97
CA HIS A 226 0.24 24.29 15.36
C HIS A 226 1.30 24.30 14.27
N LEU A 227 1.43 23.20 13.53
CA LEU A 227 2.36 23.16 12.41
C LEU A 227 1.86 24.09 11.30
N ASP A 228 0.56 24.06 11.02
CA ASP A 228 -0.05 24.99 10.07
C ASP A 228 0.24 26.44 10.42
N SER A 229 0.20 26.76 11.72
CA SER A 229 0.48 28.10 12.19
C SER A 229 1.95 28.45 12.03
N TRP A 230 2.82 27.47 12.29
CA TRP A 230 4.26 27.66 12.10
C TRP A 230 4.57 27.92 10.63
N ILE A 231 3.97 27.14 9.76
CA ILE A 231 4.17 27.30 8.33
C ILE A 231 3.78 28.68 7.87
N GLY A 232 2.91 29.33 8.61
CA GLY A 232 2.28 30.55 8.15
C GLY A 232 2.88 31.87 8.60
N GLY A 233 4.12 31.87 9.02
CA GLY A 233 5.19 32.25 8.14
C GLY A 233 6.40 32.89 8.75
N ASN A 234 6.33 33.29 10.00
CA ASN A 234 7.29 34.21 10.59
C ASN A 234 8.73 33.73 10.48
N VAL A 235 8.97 32.67 11.24
CA VAL A 235 10.22 31.96 11.30
C VAL A 235 10.30 30.82 10.32
N SER A 236 9.20 30.51 9.64
CA SER A 236 9.08 29.31 8.84
C SER A 236 10.20 29.34 7.84
N GLY A 237 10.26 30.42 7.10
CA GLY A 237 11.26 30.65 6.08
C GLY A 237 12.71 30.41 6.42
N ALA A 238 13.13 30.72 7.62
CA ALA A 238 14.52 30.56 7.99
C ALA A 238 15.14 29.15 7.80
N THR A 239 14.29 28.13 7.69
CA THR A 239 14.71 26.77 7.43
C THR A 239 13.85 26.16 6.35
N PRO A 240 14.13 26.51 5.12
CA PRO A 240 13.33 26.07 3.98
C PRO A 240 13.15 24.55 3.86
N HIS A 241 14.25 23.81 3.97
CA HIS A 241 14.25 22.38 3.74
C HIS A 241 13.39 21.74 4.76
N LEU A 242 13.42 22.27 5.95
CA LEU A 242 12.58 21.72 7.01
C LEU A 242 11.12 22.07 6.75
N LEU A 243 10.92 23.31 6.33
CA LEU A 243 9.58 23.79 6.01
C LEU A 243 8.95 22.89 4.94
N LYS A 244 9.66 22.72 3.83
CA LYS A 244 9.20 21.85 2.74
C LYS A 244 8.84 20.42 3.18
N HIS A 245 9.67 19.85 4.05
CA HIS A 245 9.45 18.49 4.53
C HIS A 245 8.16 18.44 5.36
N ILE A 246 7.93 19.47 6.16
CA ILE A 246 6.74 19.50 6.98
C ILE A 246 5.51 19.72 6.12
N GLN A 247 5.65 20.58 5.11
CA GLN A 247 4.61 20.71 4.09
C GLN A 247 4.30 19.36 3.45
N ASN A 248 5.33 18.62 3.02
CA ASN A 248 5.07 17.31 2.41
C ASN A 248 4.35 16.36 3.37
N SER A 249 4.75 16.34 4.64
CA SER A 249 4.16 15.41 5.60
C SER A 249 2.69 15.71 5.89
N LEU A 250 2.36 16.98 6.06
CA LEU A 250 0.97 17.34 6.34
C LEU A 250 0.07 17.03 5.14
N TYR A 251 0.61 17.14 3.94
CA TYR A 251 -0.15 16.81 2.73
C TYR A 251 -0.26 15.30 2.53
N ILE A 252 0.86 14.59 2.68
CA ILE A 252 0.84 13.13 2.62
C ILE A 252 1.59 12.51 3.80
N PRO A 253 0.87 12.15 4.86
CA PRO A 253 1.51 11.55 6.04
C PRO A 253 2.24 10.27 5.66
N ARG A 254 3.37 10.04 6.33
CA ARG A 254 4.20 8.88 6.06
C ARG A 254 3.38 7.59 5.99
N TYR A 255 2.51 7.36 6.97
CA TYR A 255 1.77 6.12 6.99
C TYR A 255 0.48 6.24 6.18
N CYS A 256 0.37 7.31 5.40
CA CYS A 256 -0.63 7.41 4.32
C CYS A 256 0.10 7.40 2.96
N ASN A 257 1.35 6.94 2.99
CA ASN A 257 2.21 6.92 1.81
C ASN A 257 2.89 5.55 1.75
N ILE A 258 3.57 5.23 0.64
CA ILE A 258 4.19 3.92 0.54
C ILE A 258 5.69 4.06 0.80
N GLU A 259 6.28 2.97 1.26
CA GLU A 259 7.63 2.98 1.81
C GLU A 259 8.62 3.62 0.87
N VAL A 260 8.59 3.24 -0.41
CA VAL A 260 9.63 3.73 -1.33
C VAL A 260 9.49 5.22 -1.66
N LEU A 261 8.27 5.75 -1.62
CA LEU A 261 8.11 7.18 -1.89
C LEU A 261 8.49 7.97 -0.65
N VAL A 262 8.21 7.40 0.51
CA VAL A 262 8.67 8.00 1.77
C VAL A 262 10.21 8.09 1.73
N ALA A 263 10.84 7.02 1.24
CA ALA A 263 12.29 6.98 1.19
C ALA A 263 12.83 8.04 0.22
N ARG A 264 12.26 8.10 -0.99
CA ARG A 264 12.70 9.08 -2.00
C ARG A 264 12.66 10.51 -1.51
N GLU A 265 11.62 10.86 -0.76
CA GLU A 265 11.50 12.23 -0.27
C GLU A 265 12.44 12.47 0.92
N TYR A 266 12.54 11.48 1.80
CA TYR A 266 13.37 11.65 2.99
C TYR A 266 14.85 11.86 2.60
N ILE A 267 15.30 11.19 1.54
CA ILE A 267 16.66 11.37 1.03
C ILE A 267 16.94 12.87 0.72
N SER A 268 16.01 13.52 0.03
CA SER A 268 16.11 14.94 -0.27
C SER A 268 16.16 15.76 0.99
N TYR A 269 15.27 15.46 1.93
CA TYR A 269 15.23 16.14 3.22
C TYR A 269 16.53 15.94 3.99
N TYR A 270 16.95 14.68 4.11
CA TYR A 270 18.08 14.35 4.95
C TYR A 270 19.39 14.96 4.41
N GLU A 271 19.50 15.05 3.08
CA GLU A 271 20.66 15.69 2.46
C GLU A 271 20.86 17.14 2.92
N GLN A 272 19.77 17.80 3.30
CA GLN A 272 19.78 19.21 3.64
C GLN A 272 19.92 19.42 5.14
N GLU A 273 20.00 18.33 5.87
CA GLU A 273 20.11 18.36 7.32
C GLU A 273 21.55 18.52 7.72
N GLU A 274 21.87 19.62 8.38
CA GLU A 274 23.22 19.83 8.90
C GLU A 274 23.61 18.70 9.85
N GLY A 275 24.77 18.11 9.64
CA GLY A 275 25.17 16.99 10.46
C GLY A 275 24.61 15.63 10.04
N HIS A 276 23.95 15.56 8.88
CA HIS A 276 23.45 14.27 8.39
C HIS A 276 24.62 13.29 8.20
N ASN A 277 24.38 12.01 8.45
CA ASN A 277 25.41 11.00 8.28
C ASN A 277 25.63 10.78 6.79
N LYS A 278 26.87 10.93 6.33
CA LYS A 278 27.17 10.86 4.90
C LYS A 278 27.12 9.44 4.37
N ILE A 279 27.51 8.48 5.19
CA ILE A 279 27.45 7.07 4.84
C ILE A 279 26.00 6.67 4.62
N LEU A 280 25.14 6.98 5.59
CA LEU A 280 23.72 6.62 5.49
C LEU A 280 23.05 7.28 4.30
N LEU A 281 23.34 8.55 4.06
CA LEU A 281 22.78 9.24 2.90
C LEU A 281 23.17 8.53 1.60
N LYS A 282 24.47 8.36 1.37
CA LYS A 282 24.95 7.66 0.18
C LYS A 282 24.35 6.25 0.05
N PHE A 283 24.33 5.50 1.15
CA PHE A 283 23.72 4.17 1.17
C PHE A 283 22.30 4.24 0.65
N ALA A 284 21.52 5.17 1.21
CA ALA A 284 20.12 5.36 0.84
C ALA A 284 19.95 5.68 -0.66
N LYS A 285 20.82 6.50 -1.20
CA LYS A 285 20.74 6.85 -2.62
C LYS A 285 21.02 5.66 -3.51
N LEU A 286 22.09 4.93 -3.18
CA LEU A 286 22.46 3.70 -3.88
C LEU A 286 21.31 2.70 -3.82
N ASN A 287 20.76 2.53 -2.62
CA ASN A 287 19.60 1.67 -2.42
C ASN A 287 18.40 2.05 -3.30
N PHE A 288 18.09 3.35 -3.37
CA PHE A 288 16.93 3.78 -4.15
C PHE A 288 17.18 3.51 -5.63
N ASN A 289 18.35 3.89 -6.11
CA ASN A 289 18.65 3.74 -7.52
C ASN A 289 18.61 2.28 -7.90
N PHE A 290 19.08 1.43 -7.00
CA PHE A 290 19.08 -0.02 -7.21
C PHE A 290 17.65 -0.53 -7.25
N CYS A 291 16.81 -0.08 -6.31
CA CYS A 291 15.40 -0.44 -6.30
C CYS A 291 14.72 -0.01 -7.62
N GLN A 292 14.99 1.21 -8.02
CA GLN A 292 14.37 1.77 -9.21
C GLN A 292 14.74 0.98 -10.49
N PHE A 293 16.00 0.54 -10.56
CA PHE A 293 16.45 -0.29 -11.66
C PHE A 293 15.55 -1.52 -11.84
N HIS A 294 15.24 -2.20 -10.72
CA HIS A 294 14.33 -3.34 -10.75
C HIS A 294 12.95 -2.92 -11.27
N TYR A 295 12.44 -1.78 -10.78
CA TYR A 295 11.09 -1.33 -11.19
C TYR A 295 11.02 -1.12 -12.71
N ILE A 296 12.05 -0.51 -13.29
CA ILE A 296 12.05 -0.22 -14.72
C ILE A 296 12.16 -1.51 -15.50
N GLN A 297 12.97 -2.45 -15.01
CA GLN A 297 13.09 -3.74 -15.68
C GLN A 297 11.78 -4.49 -15.56
N GLU A 298 11.13 -4.39 -14.40
CA GLU A 298 9.85 -5.06 -14.21
C GLU A 298 8.79 -4.49 -15.16
N LEU A 299 8.81 -3.17 -15.37
CA LEU A 299 7.83 -2.56 -16.28
C LEU A 299 8.11 -2.92 -17.74
N LYS A 300 9.39 -2.96 -18.09
CA LYS A 300 9.85 -3.46 -19.39
C LYS A 300 9.33 -4.89 -19.64
N THR A 301 9.57 -5.79 -18.70
CA THR A 301 9.10 -7.17 -18.76
C THR A 301 7.56 -7.23 -18.90
N LEU A 302 6.86 -6.48 -18.05
CA LEU A 302 5.39 -6.43 -18.08
C LEU A 302 4.86 -5.95 -19.41
N THR A 303 5.49 -4.94 -19.96
CA THR A 303 4.99 -4.31 -21.18
C THR A 303 5.16 -5.29 -22.33
N LYS A 304 6.32 -5.94 -22.39
CA LYS A 304 6.57 -6.92 -23.44
C LYS A 304 5.54 -8.05 -23.34
N TRP A 305 5.35 -8.56 -22.13
CA TRP A 305 4.39 -9.63 -21.85
C TRP A 305 2.95 -9.24 -22.25
N TRP A 306 2.53 -8.04 -21.88
CA TRP A 306 1.18 -7.55 -22.25
C TRP A 306 1.03 -7.41 -23.76
N LYS A 307 2.06 -6.88 -24.41
CA LYS A 307 2.07 -6.71 -25.86
C LYS A 307 1.98 -8.04 -26.61
N ASP A 308 2.78 -9.03 -26.19
CA ASP A 308 2.73 -10.39 -26.77
C ASP A 308 1.34 -11.01 -26.64
N LEU A 309 0.75 -10.91 -25.45
CA LEU A 309 -0.61 -11.37 -25.20
C LEU A 309 -1.62 -10.74 -26.16
N ASP A 310 -1.40 -9.46 -26.48
CA ASP A 310 -2.03 -8.80 -27.61
C ASP A 310 -3.56 -8.75 -27.51
N LEU A 311 -4.07 -8.63 -26.30
CA LEU A 311 -5.51 -8.52 -26.09
C LEU A 311 -6.09 -7.32 -26.83
N ALA A 312 -5.26 -6.29 -27.02
CA ALA A 312 -5.66 -5.09 -27.75
C ALA A 312 -6.21 -5.44 -29.13
N SER A 313 -5.63 -6.43 -29.78
CA SER A 313 -6.17 -6.92 -31.05
C SER A 313 -7.57 -7.50 -30.87
N LYS A 314 -7.65 -8.53 -30.04
CA LYS A 314 -8.84 -9.36 -29.96
C LYS A 314 -10.01 -8.73 -29.20
N LEU A 315 -9.80 -7.57 -28.61
CA LEU A 315 -10.81 -6.98 -27.73
C LEU A 315 -10.95 -5.49 -27.96
N PRO A 316 -12.18 -4.98 -27.86
CA PRO A 316 -12.44 -3.56 -28.10
C PRO A 316 -12.09 -2.62 -26.94
N TYR A 317 -12.22 -3.10 -25.69
CA TYR A 317 -12.26 -2.18 -24.55
C TYR A 317 -11.09 -2.23 -23.57
N ILE A 318 -9.90 -2.53 -24.07
CA ILE A 318 -8.75 -2.73 -23.17
C ILE A 318 -8.27 -1.41 -22.57
N ARG A 319 -8.37 -1.29 -21.24
CA ARG A 319 -7.87 -0.10 -20.55
C ARG A 319 -6.33 -0.14 -20.37
N ASP A 320 -5.72 1.03 -20.18
CA ASP A 320 -4.29 1.15 -19.89
C ASP A 320 -4.04 1.09 -18.38
N ARG A 321 -3.50 -0.03 -17.90
CA ARG A 321 -3.37 -0.25 -16.46
C ARG A 321 -1.99 -0.76 -16.08
N LEU A 322 -1.04 -0.61 -16.99
CA LEU A 322 0.35 -1.03 -16.79
C LEU A 322 0.95 -0.49 -15.50
N VAL A 323 1.02 0.84 -15.38
CA VAL A 323 1.70 1.49 -14.26
C VAL A 323 0.93 1.24 -12.97
N GLU A 324 -0.40 1.41 -13.00
CA GLU A 324 -1.22 1.17 -11.83
C GLU A 324 -1.02 -0.26 -11.35
N SER A 325 -0.92 -1.21 -12.28
CA SER A 325 -0.82 -2.61 -11.89
C SER A 325 0.55 -2.90 -11.29
N HIS A 326 1.58 -2.25 -11.82
CA HIS A 326 2.89 -2.42 -11.20
C HIS A 326 2.87 -1.83 -9.79
N LEU A 327 2.20 -0.70 -9.66
CA LEU A 327 2.09 -0.04 -8.37
C LEU A 327 1.32 -0.95 -7.42
N GLY A 328 0.44 -1.79 -7.99
CA GLY A 328 -0.27 -2.78 -7.18
C GLY A 328 0.63 -3.84 -6.54
N GLY A 329 1.84 -4.04 -7.08
CA GLY A 329 2.83 -4.92 -6.46
C GLY A 329 3.85 -4.15 -5.61
N LEU A 330 4.18 -2.94 -6.08
CA LEU A 330 5.16 -2.09 -5.42
C LEU A 330 4.70 -1.59 -4.04
N GLY A 331 3.44 -1.16 -3.93
CA GLY A 331 2.85 -0.87 -2.63
C GLY A 331 3.11 -1.99 -1.64
N PRO A 332 2.62 -3.21 -1.92
CA PRO A 332 2.85 -4.38 -1.05
C PRO A 332 4.32 -4.63 -0.67
N TYR A 333 5.23 -4.58 -1.64
CA TYR A 333 6.65 -4.68 -1.31
C TYR A 333 7.57 -3.99 -2.34
N PHE A 334 8.45 -3.17 -1.86
CA PHE A 334 9.32 -2.38 -2.69
C PHE A 334 10.72 -2.98 -2.89
N GLU A 335 11.15 -3.88 -2.04
CA GLU A 335 12.49 -4.40 -2.04
C GLU A 335 12.89 -5.20 -3.29
N PRO A 336 14.16 -5.18 -3.60
CA PRO A 336 14.70 -5.94 -4.73
C PRO A 336 14.38 -7.42 -4.75
N HIS A 337 14.33 -8.10 -3.62
CA HIS A 337 14.05 -9.51 -3.58
C HIS A 337 12.62 -9.87 -3.79
N TYR A 338 11.71 -8.94 -3.77
CA TYR A 338 10.36 -9.19 -4.14
C TYR A 338 10.09 -8.76 -5.60
N SER A 339 11.13 -8.59 -6.38
CA SER A 339 10.98 -8.33 -7.79
C SER A 339 10.09 -9.31 -8.55
N LEU A 340 10.34 -10.59 -8.44
CA LEU A 340 9.50 -11.60 -9.03
C LEU A 340 8.06 -11.51 -8.50
N GLY A 341 7.93 -11.24 -7.23
CA GLY A 341 6.62 -11.14 -6.62
C GLY A 341 5.81 -10.03 -7.23
N ARG A 342 6.47 -8.89 -7.50
CA ARG A 342 5.82 -7.73 -8.11
C ARG A 342 5.37 -8.04 -9.54
N ILE A 343 6.22 -8.72 -10.29
CA ILE A 343 5.87 -9.03 -11.67
C ILE A 343 4.64 -9.95 -11.69
N ILE A 344 4.63 -10.95 -10.81
CA ILE A 344 3.49 -11.88 -10.75
C ILE A 344 2.19 -11.15 -10.37
N VAL A 345 2.28 -10.30 -9.35
CA VAL A 345 1.11 -9.55 -8.90
C VAL A 345 0.60 -8.63 -10.02
N ALA A 346 1.52 -7.98 -10.73
CA ALA A 346 1.15 -7.05 -11.78
C ALA A 346 0.47 -7.77 -12.95
N LYS A 347 0.94 -8.98 -13.27
CA LYS A 347 0.35 -9.76 -14.38
C LYS A 347 -1.07 -10.17 -14.02
N ILE A 348 -1.25 -10.62 -12.78
CA ILE A 348 -2.56 -11.06 -12.31
C ILE A 348 -3.54 -9.89 -12.31
N ILE A 349 -3.10 -8.75 -11.78
CA ILE A 349 -3.96 -7.57 -11.71
C ILE A 349 -4.34 -7.10 -13.09
N MET A 350 -3.37 -6.99 -14.00
CA MET A 350 -3.67 -6.54 -15.37
C MET A 350 -4.65 -7.49 -16.03
N THR A 351 -4.55 -8.78 -15.71
CA THR A 351 -5.44 -9.79 -16.25
C THR A 351 -6.84 -9.69 -15.65
N MET A 352 -6.90 -9.51 -14.34
CA MET A 352 -8.19 -9.48 -13.66
C MET A 352 -8.95 -8.18 -13.92
N VAL A 353 -8.24 -7.11 -14.24
CA VAL A 353 -8.92 -5.89 -14.67
C VAL A 353 -9.82 -6.19 -15.89
N VAL A 354 -9.28 -6.95 -16.84
CA VAL A 354 -10.03 -7.25 -18.08
C VAL A 354 -11.31 -8.05 -17.75
N VAL A 355 -11.19 -9.02 -16.86
CA VAL A 355 -12.36 -9.75 -16.36
C VAL A 355 -13.34 -8.79 -15.68
N ASP A 356 -12.81 -7.94 -14.82
CA ASP A 356 -13.65 -6.99 -14.13
C ASP A 356 -14.40 -6.10 -15.12
N ASP A 357 -13.68 -5.63 -16.14
CA ASP A 357 -14.26 -4.79 -17.17
C ASP A 357 -15.34 -5.53 -17.95
N THR A 358 -15.28 -6.86 -17.92
CA THR A 358 -16.21 -7.64 -18.73
C THR A 358 -17.57 -7.76 -18.03
N TYR A 359 -17.54 -7.73 -16.71
CA TYR A 359 -18.77 -7.64 -15.93
C TYR A 359 -19.31 -6.23 -16.06
N ASP A 360 -20.09 -6.04 -17.12
CA ASP A 360 -20.55 -4.72 -17.53
C ASP A 360 -22.04 -4.76 -17.66
N ALA A 361 -22.70 -3.66 -17.25
CA ALA A 361 -24.15 -3.56 -17.39
C ALA A 361 -24.62 -3.86 -18.80
N HIS A 362 -23.76 -3.58 -19.80
CA HIS A 362 -24.13 -3.74 -21.21
C HIS A 362 -23.89 -5.15 -21.73
N ALA A 363 -23.49 -6.03 -20.82
CA ALA A 363 -23.54 -7.46 -21.08
C ALA A 363 -24.95 -7.94 -20.73
N THR A 364 -25.52 -8.82 -21.56
CA THR A 364 -26.88 -9.28 -21.33
C THR A 364 -26.96 -10.26 -20.15
N VAL A 365 -28.18 -10.59 -19.72
CA VAL A 365 -28.35 -11.57 -18.64
C VAL A 365 -27.76 -12.93 -18.99
N PRO A 366 -28.05 -13.48 -20.19
CA PRO A 366 -27.39 -14.75 -20.55
C PRO A 366 -25.86 -14.65 -20.64
N GLU A 367 -25.33 -13.58 -21.23
CA GLU A 367 -23.87 -13.43 -21.35
C GLU A 367 -23.17 -13.50 -19.98
N VAL A 368 -23.65 -12.74 -19.01
CA VAL A 368 -23.06 -12.73 -17.69
C VAL A 368 -23.33 -14.03 -16.93
N ALA A 369 -24.42 -14.69 -17.25
CA ALA A 369 -24.70 -15.98 -16.60
C ALA A 369 -23.66 -17.01 -17.03
N VAL A 370 -23.36 -17.03 -18.32
CA VAL A 370 -22.43 -18.03 -18.86
C VAL A 370 -21.00 -17.67 -18.45
N LEU A 371 -20.66 -16.40 -18.55
CA LEU A 371 -19.37 -15.92 -18.06
C LEU A 371 -19.14 -16.37 -16.61
N THR A 372 -20.15 -16.19 -15.77
CA THR A 372 -19.98 -16.47 -14.36
C THR A 372 -19.87 -17.97 -14.12
N GLU A 373 -20.57 -18.76 -14.94
CA GLU A 373 -20.56 -20.21 -14.79
C GLU A 373 -19.20 -20.80 -15.17
N CYS A 374 -18.61 -20.25 -16.23
CA CYS A 374 -17.31 -20.68 -16.71
C CYS A 374 -16.23 -20.39 -15.69
N LEU A 375 -16.43 -19.35 -14.89
CA LEU A 375 -15.50 -18.99 -13.82
C LEU A 375 -15.75 -19.81 -12.57
N GLN A 376 -16.87 -20.54 -12.53
CA GLN A 376 -17.14 -21.48 -11.45
C GLN A 376 -16.49 -22.82 -11.80
N ARG A 377 -16.60 -23.19 -13.07
CA ARG A 377 -16.05 -24.44 -13.55
C ARG A 377 -14.57 -24.36 -13.91
N LEU A 378 -14.09 -23.16 -14.12
CA LEU A 378 -12.75 -22.90 -14.55
C LEU A 378 -12.47 -23.61 -15.85
N ASN A 379 -13.47 -23.72 -16.70
CA ASN A 379 -13.24 -24.13 -18.06
C ASN A 379 -14.10 -23.37 -19.04
N ILE A 380 -13.45 -22.82 -20.04
CA ILE A 380 -13.34 -23.28 -21.42
C ILE A 380 -14.66 -23.76 -22.01
N GLY A 381 -15.68 -22.96 -21.83
CA GLY A 381 -17.00 -23.30 -22.30
C GLY A 381 -17.55 -24.59 -21.78
N ALA A 382 -18.43 -25.21 -22.56
CA ALA A 382 -18.09 -26.25 -23.52
C ALA A 382 -17.96 -26.31 -25.04
N ASP A 383 -19.05 -26.50 -25.74
CA ASP A 383 -19.72 -25.43 -26.40
C ASP A 383 -21.11 -25.82 -26.13
N ASP A 384 -21.75 -25.10 -25.24
CA ASP A 384 -23.16 -24.95 -25.23
C ASP A 384 -23.42 -23.52 -24.77
N LYS A 385 -22.86 -22.53 -25.49
CA LYS A 385 -22.24 -21.30 -24.94
C LYS A 385 -22.46 -20.03 -25.78
N LEU A 386 -21.59 -19.00 -25.63
CA LEU A 386 -21.75 -17.62 -26.21
C LEU A 386 -20.59 -16.89 -27.00
N PRO A 387 -20.55 -15.57 -26.99
CA PRO A 387 -19.94 -14.74 -28.04
C PRO A 387 -18.44 -14.50 -27.99
N ASP A 388 -17.88 -13.84 -28.99
CA ASP A 388 -16.46 -13.99 -29.28
C ASP A 388 -15.49 -13.34 -28.28
N TYR A 389 -15.75 -12.10 -27.93
CA TYR A 389 -14.86 -11.32 -27.11
C TYR A 389 -14.89 -11.87 -25.69
N LEU A 390 -15.98 -12.54 -25.34
CA LEU A 390 -16.17 -13.12 -24.02
C LEU A 390 -15.44 -14.45 -23.93
N ARG A 391 -15.57 -15.24 -24.98
CA ARG A 391 -14.76 -16.43 -25.13
C ARG A 391 -13.28 -16.05 -25.04
N THR A 392 -12.91 -14.96 -25.72
CA THR A 392 -11.53 -14.51 -25.74
C THR A 392 -11.04 -14.14 -24.35
N VAL A 393 -11.85 -13.40 -23.61
CA VAL A 393 -11.48 -13.08 -22.23
C VAL A 393 -11.28 -14.35 -21.40
N LEU A 394 -12.25 -15.29 -21.42
CA LEU A 394 -12.14 -16.50 -20.60
C LEU A 394 -10.89 -17.31 -20.98
N GLU A 395 -10.69 -17.53 -22.29
CA GLU A 395 -9.49 -18.17 -22.81
C GLU A 395 -8.19 -17.53 -22.32
N SER A 396 -8.08 -16.21 -22.46
CA SER A 396 -6.90 -15.48 -21.99
C SER A 396 -6.63 -15.62 -20.51
N VAL A 397 -7.66 -15.45 -19.67
CA VAL A 397 -7.49 -15.60 -18.24
C VAL A 397 -6.96 -17.00 -17.88
N PHE A 398 -7.53 -18.04 -18.51
CA PHE A 398 -7.11 -19.40 -18.21
C PHE A 398 -5.70 -19.65 -18.70
N GLU A 399 -5.36 -19.10 -19.87
CA GLU A 399 -4.01 -19.30 -20.43
C GLU A 399 -2.95 -18.56 -19.59
N VAL A 400 -3.23 -17.33 -19.19
CA VAL A 400 -2.29 -16.58 -18.35
C VAL A 400 -2.05 -17.25 -16.99
N MET A 401 -3.13 -17.65 -16.30
CA MET A 401 -2.98 -18.32 -15.00
C MET A 401 -2.29 -19.67 -15.16
N GLY A 402 -2.61 -20.38 -16.23
CA GLY A 402 -1.93 -21.64 -16.52
C GLY A 402 -0.44 -21.44 -16.71
N GLU A 403 -0.09 -20.38 -17.42
CA GLU A 403 1.31 -20.03 -17.66
C GLU A 403 2.04 -19.66 -16.37
N ILE A 404 1.44 -18.81 -15.55
CA ILE A 404 2.06 -18.41 -14.29
C ILE A 404 2.24 -19.65 -13.40
N GLU A 405 1.24 -20.53 -13.37
CA GLU A 405 1.37 -21.75 -12.59
C GLU A 405 2.54 -22.60 -13.09
N GLN A 406 2.72 -22.68 -14.40
CA GLN A 406 3.84 -23.43 -14.97
C GLN A 406 5.18 -22.85 -14.53
N GLU A 407 5.28 -21.52 -14.49
CA GLU A 407 6.48 -20.81 -14.05
C GLU A 407 6.87 -21.09 -12.61
N MET A 408 5.88 -21.08 -11.73
CA MET A 408 6.10 -21.21 -10.30
C MET A 408 6.21 -22.67 -9.88
N ARG A 409 5.88 -23.59 -10.78
CA ARG A 409 5.93 -24.99 -10.41
C ARG A 409 7.33 -25.43 -9.96
N PRO A 410 8.39 -25.06 -10.70
CA PRO A 410 9.71 -25.49 -10.21
C PRO A 410 10.07 -24.85 -8.86
N LYS A 411 9.51 -23.68 -8.57
CA LYS A 411 9.78 -22.97 -7.32
C LYS A 411 8.83 -23.44 -6.22
N GLY A 412 8.07 -24.50 -6.49
CA GLY A 412 7.18 -25.07 -5.49
C GLY A 412 6.03 -24.18 -5.08
N ARG A 413 5.64 -23.27 -5.97
CA ARG A 413 4.58 -22.31 -5.69
C ARG A 413 3.38 -22.41 -6.63
N SER A 414 3.17 -23.57 -7.23
CA SER A 414 2.08 -23.69 -8.18
C SER A 414 0.72 -23.72 -7.44
N TYR A 415 0.69 -24.27 -6.23
CA TYR A 415 -0.55 -24.28 -5.45
C TYR A 415 -1.12 -22.86 -5.24
N GLY A 416 -0.25 -21.91 -4.94
CA GLY A 416 -0.69 -20.55 -4.69
C GLY A 416 -1.27 -19.93 -5.94
N VAL A 417 -0.66 -20.21 -7.09
CA VAL A 417 -1.15 -19.68 -8.35
C VAL A 417 -2.53 -20.25 -8.64
N LYS A 418 -2.71 -21.53 -8.33
CA LYS A 418 -4.00 -22.20 -8.51
C LYS A 418 -5.11 -21.53 -7.70
N GLN A 419 -4.77 -21.04 -6.51
CA GLN A 419 -5.75 -20.40 -5.62
C GLN A 419 -6.35 -19.11 -6.18
N VAL A 420 -5.64 -18.48 -7.12
CA VAL A 420 -6.12 -17.23 -7.69
C VAL A 420 -7.56 -17.38 -8.20
N LEU A 421 -7.77 -18.28 -9.16
CA LEU A 421 -9.10 -18.45 -9.72
C LEU A 421 -10.04 -19.20 -8.80
N GLU A 422 -9.50 -19.99 -7.87
CA GLU A 422 -10.33 -20.58 -6.83
C GLU A 422 -10.99 -19.50 -5.98
N ARG A 423 -10.19 -18.56 -5.48
CA ARG A 423 -10.74 -17.47 -4.67
C ARG A 423 -11.60 -16.50 -5.49
N PHE A 424 -11.27 -16.31 -6.78
CA PHE A 424 -12.09 -15.44 -7.62
C PHE A 424 -13.52 -15.94 -7.85
N LYS A 425 -13.78 -17.23 -7.58
CA LYS A 425 -15.11 -17.81 -7.91
C LYS A 425 -16.24 -17.02 -7.29
N ASN A 426 -16.10 -16.70 -6.00
CA ASN A 426 -17.11 -15.93 -5.27
C ASN A 426 -17.09 -14.46 -5.69
N VAL A 427 -15.97 -13.97 -6.19
CA VAL A 427 -15.93 -12.62 -6.73
C VAL A 427 -16.78 -12.54 -8.01
N ALA A 428 -16.64 -13.53 -8.89
CA ALA A 428 -17.45 -13.59 -10.10
C ALA A 428 -18.93 -13.63 -9.76
N LYS A 429 -19.31 -14.49 -8.83
CA LYS A 429 -20.72 -14.57 -8.41
C LYS A 429 -21.20 -13.20 -7.92
N ALA A 430 -20.38 -12.50 -7.13
CA ALA A 430 -20.72 -11.18 -6.62
C ALA A 430 -20.82 -10.15 -7.76
N ASP A 431 -19.85 -10.19 -8.67
CA ASP A 431 -19.85 -9.36 -9.88
C ASP A 431 -21.14 -9.52 -10.70
N LYS A 432 -21.66 -10.74 -10.74
CA LYS A 432 -22.87 -11.01 -11.49
C LYS A 432 -24.06 -10.22 -10.90
N GLN A 433 -24.11 -10.11 -9.58
CA GLN A 433 -25.18 -9.37 -8.91
C GLN A 433 -25.05 -7.86 -9.14
N LEU A 434 -23.83 -7.35 -9.06
CA LEU A 434 -23.59 -5.94 -9.34
C LEU A 434 -24.11 -5.55 -10.72
N THR A 435 -23.84 -6.41 -11.69
CA THR A 435 -24.23 -6.17 -13.07
C THR A 435 -25.75 -6.13 -13.24
N GLU A 436 -26.45 -7.06 -12.61
CA GLU A 436 -27.91 -7.08 -12.58
C GLU A 436 -28.48 -5.76 -12.05
N TRP A 437 -27.91 -5.29 -10.94
CA TRP A 437 -28.26 -3.99 -10.40
C TRP A 437 -28.01 -2.89 -11.44
N ALA A 438 -26.82 -2.88 -12.02
CA ALA A 438 -26.45 -1.88 -13.01
C ALA A 438 -27.35 -1.98 -14.28
N ARG A 439 -27.56 -3.20 -14.76
CA ARG A 439 -28.37 -3.43 -15.96
C ARG A 439 -29.81 -2.90 -15.85
N THR A 440 -30.44 -3.11 -14.69
CA THR A 440 -31.81 -2.65 -14.49
C THR A 440 -31.88 -1.25 -13.91
N GLY A 441 -30.73 -0.72 -13.49
CA GLY A 441 -30.70 0.59 -12.87
C GLY A 441 -31.17 0.58 -11.42
N ASP A 442 -31.12 -0.58 -10.79
CA ASP A 442 -31.45 -0.70 -9.37
C ASP A 442 -30.34 -0.11 -8.50
N VAL A 443 -30.71 0.80 -7.61
CA VAL A 443 -29.76 1.32 -6.66
C VAL A 443 -30.16 0.79 -5.28
N PRO A 444 -29.51 -0.29 -4.84
CA PRO A 444 -29.82 -0.92 -3.56
C PRO A 444 -29.48 0.01 -2.40
N SER A 445 -29.84 -0.37 -1.18
CA SER A 445 -29.40 0.36 0.00
C SER A 445 -27.89 0.19 0.14
N PHE A 446 -27.24 1.15 0.78
CA PHE A 446 -25.81 1.06 1.04
C PHE A 446 -25.47 -0.22 1.82
N ASP A 447 -26.39 -0.65 2.68
CA ASP A 447 -26.10 -1.81 3.52
C ASP A 447 -26.20 -3.12 2.73
N GLU A 448 -27.16 -3.19 1.81
CA GLU A 448 -27.28 -4.35 0.91
C GLU A 448 -26.18 -4.37 -0.15
N TYR A 449 -25.85 -3.20 -0.69
CA TYR A 449 -24.72 -3.10 -1.60
C TYR A 449 -23.43 -3.68 -0.98
N MET A 450 -23.13 -3.28 0.26
CA MET A 450 -21.84 -3.58 0.89
C MET A 450 -21.64 -5.07 1.09
N LYS A 451 -22.72 -5.79 1.35
CA LYS A 451 -22.64 -7.23 1.47
C LYS A 451 -22.12 -7.89 0.18
N VAL A 452 -22.34 -7.23 -0.96
CA VAL A 452 -21.81 -7.70 -2.24
C VAL A 452 -20.45 -7.06 -2.53
N GLY A 453 -20.36 -5.76 -2.28
CA GLY A 453 -19.13 -5.02 -2.52
C GLY A 453 -17.92 -5.52 -1.76
N LEU A 454 -18.12 -6.06 -0.56
CA LEU A 454 -16.98 -6.52 0.23
C LEU A 454 -16.44 -7.82 -0.34
N VAL A 455 -17.30 -8.54 -1.06
CA VAL A 455 -16.87 -9.74 -1.73
C VAL A 455 -16.06 -9.41 -3.00
N THR A 456 -16.46 -8.38 -3.74
CA THR A 456 -15.78 -8.06 -4.99
C THR A 456 -14.44 -7.40 -4.71
N ALA A 457 -14.30 -6.82 -3.51
CA ALA A 457 -13.05 -6.19 -3.13
C ALA A 457 -11.93 -7.23 -3.10
N GLY A 458 -12.28 -8.46 -2.69
CA GLY A 458 -11.39 -9.61 -2.70
C GLY A 458 -9.99 -9.47 -2.13
N MET A 459 -9.87 -8.90 -0.93
CA MET A 459 -8.53 -8.67 -0.38
C MET A 459 -7.82 -9.98 -0.06
N ASP A 460 -8.58 -11.04 0.20
CA ASP A 460 -7.96 -12.35 0.43
C ASP A 460 -7.33 -12.83 -0.88
N GLY A 461 -7.94 -12.50 -2.02
CA GLY A 461 -7.34 -12.77 -3.30
C GLY A 461 -6.06 -11.98 -3.52
N TYR A 462 -6.14 -10.67 -3.29
CA TYR A 462 -5.01 -9.76 -3.49
C TYR A 462 -3.80 -10.18 -2.61
N ALA A 463 -4.08 -10.52 -1.35
CA ALA A 463 -3.03 -10.98 -0.45
C ALA A 463 -2.41 -12.26 -1.00
N GLY A 464 -3.26 -13.16 -1.47
CA GLY A 464 -2.81 -14.36 -2.15
C GLY A 464 -1.87 -14.08 -3.32
N TYR A 465 -2.18 -13.09 -4.17
CA TYR A 465 -1.29 -12.75 -5.28
C TYR A 465 0.13 -12.44 -4.80
N CYS A 466 0.22 -11.70 -3.69
CA CYS A 466 1.50 -11.21 -3.18
C CYS A 466 2.35 -12.34 -2.58
N PHE A 467 1.67 -13.33 -2.00
CA PHE A 467 2.35 -14.46 -1.36
C PHE A 467 3.02 -15.38 -2.37
N ILE A 468 2.48 -15.43 -3.58
CA ILE A 468 2.99 -16.37 -4.58
C ILE A 468 4.51 -16.20 -4.73
N GLY A 469 4.96 -14.98 -4.97
CA GLY A 469 6.36 -14.72 -5.21
C GLY A 469 7.23 -14.60 -3.97
N MET A 470 6.69 -14.93 -2.80
CA MET A 470 7.46 -14.80 -1.56
C MET A 470 7.96 -16.16 -1.07
N GLU A 471 9.18 -16.52 -1.41
CA GLU A 471 9.69 -17.84 -1.02
C GLU A 471 9.89 -17.93 0.49
N ASP A 472 9.90 -16.77 1.16
CA ASP A 472 9.99 -16.69 2.62
C ASP A 472 8.61 -16.81 3.29
N VAL A 473 7.63 -17.37 2.58
CA VAL A 473 6.29 -17.58 3.15
C VAL A 473 5.72 -18.94 2.78
N SER A 474 5.52 -19.79 3.78
CA SER A 474 4.92 -21.09 3.58
C SER A 474 3.54 -20.98 2.93
N GLU A 475 3.35 -21.70 1.82
CA GLU A 475 2.04 -21.75 1.20
C GLU A 475 0.99 -22.24 2.18
N LYS A 476 1.38 -23.22 3.00
CA LYS A 476 0.45 -23.85 3.94
C LYS A 476 -0.05 -22.82 4.97
N GLU A 477 0.87 -22.13 5.63
CA GLU A 477 0.51 -21.15 6.66
C GLU A 477 -0.32 -20.00 6.10
N ALA A 478 0.18 -19.38 5.03
CA ALA A 478 -0.46 -18.23 4.39
C ALA A 478 -1.91 -18.48 3.94
N PHE A 479 -2.11 -19.52 3.15
CA PHE A 479 -3.43 -19.78 2.60
C PHE A 479 -4.37 -20.40 3.66
N GLU A 480 -3.81 -21.01 4.70
CA GLU A 480 -4.59 -21.40 5.88
C GLU A 480 -5.08 -20.20 6.68
N TRP A 481 -4.17 -19.28 6.95
CA TRP A 481 -4.51 -17.99 7.54
C TRP A 481 -5.64 -17.31 6.75
N LEU A 482 -5.46 -17.18 5.44
CA LEU A 482 -6.42 -16.47 4.59
C LEU A 482 -7.84 -17.01 4.67
N SER A 483 -7.97 -18.33 4.65
CA SER A 483 -9.32 -18.93 4.62
C SER A 483 -9.85 -19.12 6.04
N SER A 484 -9.08 -18.65 7.03
CA SER A 484 -9.60 -18.50 8.37
C SER A 484 -10.32 -17.14 8.48
N ASN A 485 -10.45 -16.46 7.33
CA ASN A 485 -10.97 -15.10 7.21
C ASN A 485 -10.55 -14.13 8.34
N PRO A 486 -9.25 -13.77 8.36
CA PRO A 486 -8.70 -12.79 9.32
C PRO A 486 -9.44 -11.46 9.31
N LEU A 487 -9.73 -10.94 10.49
CA LEU A 487 -10.34 -9.63 10.66
C LEU A 487 -9.63 -8.54 9.85
N ILE A 488 -8.31 -8.64 9.74
CA ILE A 488 -7.53 -7.64 9.01
C ILE A 488 -7.83 -7.66 7.51
N ILE A 489 -8.07 -8.83 6.93
CA ILE A 489 -8.45 -8.90 5.52
C ILE A 489 -9.86 -8.35 5.36
N GLN A 490 -10.69 -8.61 6.36
CA GLN A 490 -12.04 -8.05 6.42
C GLN A 490 -12.00 -6.50 6.47
N ALA A 491 -11.12 -5.92 7.29
CA ALA A 491 -11.02 -4.45 7.37
C ALA A 491 -10.43 -3.83 6.09
N LEU A 492 -9.48 -4.53 5.48
CA LEU A 492 -8.94 -4.09 4.19
C LEU A 492 -10.01 -4.11 3.08
N ASN A 493 -10.89 -5.11 3.12
CA ASN A 493 -11.98 -5.19 2.16
C ASN A 493 -12.84 -3.91 2.19
N VAL A 494 -13.11 -3.43 3.39
CA VAL A 494 -13.88 -2.20 3.60
C VAL A 494 -13.14 -0.97 3.08
N MET A 495 -11.86 -0.86 3.44
CA MET A 495 -11.03 0.24 2.98
C MET A 495 -10.99 0.29 1.44
N PHE A 496 -10.69 -0.84 0.80
CA PHE A 496 -10.62 -0.82 -0.67
C PHE A 496 -11.98 -0.49 -1.29
N ARG A 497 -13.03 -1.15 -0.85
CA ARG A 497 -14.33 -1.03 -1.51
C ARG A 497 -14.79 0.43 -1.48
N LEU A 498 -14.67 1.07 -0.31
CA LEU A 498 -15.07 2.46 -0.13
C LEU A 498 -14.15 3.45 -0.86
N ALA A 499 -12.84 3.25 -0.75
CA ALA A 499 -11.86 4.09 -1.43
C ALA A 499 -12.04 4.04 -2.95
N ASN A 500 -12.19 2.82 -3.47
CA ASN A 500 -12.40 2.67 -4.89
C ASN A 500 -13.71 3.26 -5.38
N ASP A 501 -14.81 3.01 -4.67
CA ASP A 501 -16.12 3.48 -5.14
C ASP A 501 -16.26 5.01 -5.09
N VAL A 502 -15.66 5.65 -4.09
CA VAL A 502 -15.79 7.09 -4.03
C VAL A 502 -14.84 7.71 -5.02
N GLY A 503 -13.60 7.23 -5.03
CA GLY A 503 -12.56 7.76 -5.90
C GLY A 503 -12.85 7.68 -7.39
N THR A 504 -13.52 6.61 -7.82
CA THR A 504 -13.82 6.42 -9.24
C THR A 504 -15.27 6.78 -9.59
N TYR A 505 -15.93 7.51 -8.69
CA TYR A 505 -17.34 7.82 -8.82
C TYR A 505 -17.84 8.30 -10.18
N GLU A 506 -17.21 9.32 -10.76
CA GLU A 506 -17.77 9.90 -11.97
C GLU A 506 -17.54 8.98 -13.17
N THR A 507 -16.50 8.16 -13.08
CA THR A 507 -16.28 7.09 -14.05
C THR A 507 -17.39 6.05 -13.93
N GLU A 508 -17.76 5.75 -12.68
CA GLU A 508 -18.83 4.80 -12.40
C GLU A 508 -20.17 5.28 -12.97
N ILE A 509 -20.49 6.55 -12.71
CA ILE A 509 -21.76 7.15 -13.15
C ILE A 509 -21.84 7.25 -14.68
N ASN A 510 -20.70 7.45 -15.35
CA ASN A 510 -20.69 7.57 -16.81
C ASN A 510 -20.70 6.22 -17.53
N ARG A 511 -20.19 5.20 -16.88
CA ARG A 511 -20.59 3.84 -17.21
C ARG A 511 -21.97 3.65 -16.55
N GLY A 512 -22.61 2.50 -16.71
CA GLY A 512 -23.93 2.38 -16.09
C GLY A 512 -23.93 1.96 -14.61
N GLU A 513 -22.77 2.03 -13.97
CA GLU A 513 -22.52 1.35 -12.69
C GLU A 513 -23.12 2.11 -11.52
N VAL A 514 -24.43 2.17 -11.50
CA VAL A 514 -25.17 3.05 -10.62
C VAL A 514 -25.21 2.49 -9.17
N ALA A 515 -24.89 1.22 -9.03
CA ALA A 515 -24.78 0.61 -7.72
C ALA A 515 -23.33 0.64 -7.23
N ASN A 516 -23.02 1.61 -6.38
CA ASN A 516 -21.72 1.71 -5.75
C ASN A 516 -21.90 2.31 -4.35
N GLY A 517 -20.88 2.20 -3.51
CA GLY A 517 -20.94 2.63 -2.13
C GLY A 517 -21.39 4.06 -1.92
N LEU A 518 -20.92 4.97 -2.77
CA LEU A 518 -21.28 6.37 -2.63
C LEU A 518 -22.74 6.61 -3.02
N ASN A 519 -23.11 6.12 -4.20
CA ASN A 519 -24.46 6.32 -4.71
C ASN A 519 -25.49 5.65 -3.81
N CYS A 520 -25.15 4.47 -3.30
CA CYS A 520 -26.04 3.72 -2.42
C CYS A 520 -26.22 4.40 -1.07
N TYR A 521 -25.18 5.09 -0.61
CA TYR A 521 -25.25 5.85 0.64
C TYR A 521 -26.08 7.12 0.46
N MET A 522 -25.83 7.84 -0.62
CA MET A 522 -26.62 9.01 -0.99
C MET A 522 -28.12 8.71 -1.09
N LYS A 523 -28.45 7.56 -1.68
CA LYS A 523 -29.85 7.20 -1.86
C LYS A 523 -30.50 6.84 -0.53
N GLN A 524 -29.74 6.16 0.32
CA GLN A 524 -30.31 5.70 1.60
C GLN A 524 -30.62 6.85 2.56
N TYR A 525 -29.71 7.82 2.64
CA TYR A 525 -29.79 8.88 3.64
C TYR A 525 -30.20 10.26 3.09
N GLY A 526 -30.51 10.32 1.80
CA GLY A 526 -30.90 11.57 1.17
C GLY A 526 -29.84 12.65 1.25
N VAL A 527 -28.59 12.26 1.53
CA VAL A 527 -27.48 13.20 1.67
C VAL A 527 -26.79 13.45 0.33
N THR A 528 -25.97 14.50 0.29
CA THR A 528 -25.32 14.86 -0.96
C THR A 528 -24.03 14.08 -1.14
N LYS A 529 -23.55 14.05 -2.39
CA LYS A 529 -22.29 13.41 -2.74
C LYS A 529 -21.17 13.77 -1.77
N GLU A 530 -21.09 15.05 -1.43
CA GLU A 530 -20.06 15.55 -0.53
C GLU A 530 -20.20 14.99 0.88
N GLU A 531 -21.42 14.96 1.38
CA GLU A 531 -21.66 14.52 2.76
C GLU A 531 -21.50 13.03 2.88
N ALA A 532 -22.01 12.30 1.89
CA ALA A 532 -21.86 10.86 1.81
C ALA A 532 -20.38 10.52 1.81
N SER A 533 -19.62 11.30 1.06
CA SER A 533 -18.19 11.07 0.91
C SER A 533 -17.53 11.15 2.27
N GLN A 534 -17.90 12.16 3.03
CA GLN A 534 -17.30 12.40 4.32
C GLN A 534 -17.67 11.31 5.32
N GLU A 535 -18.85 10.73 5.16
CA GLU A 535 -19.32 9.63 6.02
C GLU A 535 -18.58 8.32 5.72
N LEU A 536 -18.35 8.07 4.44
CA LEU A 536 -17.63 6.87 3.99
C LEU A 536 -16.16 6.94 4.43
N ARG A 537 -15.58 8.14 4.34
CA ARG A 537 -14.23 8.41 4.86
C ARG A 537 -14.02 7.98 6.31
N LYS A 538 -15.02 8.24 7.15
CA LYS A 538 -14.94 7.90 8.56
C LYS A 538 -14.98 6.38 8.77
N ILE A 539 -15.77 5.71 7.95
CA ILE A 539 -15.83 4.25 7.98
C ILE A 539 -14.47 3.69 7.55
N TYR A 540 -13.83 4.39 6.62
CA TYR A 540 -12.56 3.98 6.08
C TYR A 540 -11.48 4.10 7.15
N SER A 541 -11.46 5.24 7.85
CA SER A 541 -10.49 5.50 8.93
C SER A 541 -10.63 4.50 10.10
N ASN A 542 -11.86 4.16 10.43
CA ASN A 542 -12.07 3.17 11.49
C ASN A 542 -11.44 1.84 11.12
N ASN A 543 -11.58 1.44 9.87
CA ASN A 543 -11.08 0.13 9.48
C ASN A 543 -9.58 0.16 9.30
N LYS A 544 -9.04 1.30 8.91
CA LYS A 544 -7.60 1.49 8.92
C LYS A 544 -7.03 1.29 10.33
N LYS A 545 -7.72 1.85 11.33
CA LYS A 545 -7.28 1.67 12.71
C LYS A 545 -7.36 0.19 13.11
N VAL A 546 -8.37 -0.51 12.59
CA VAL A 546 -8.50 -1.94 12.79
C VAL A 546 -7.33 -2.73 12.16
N VAL A 547 -6.96 -2.34 10.94
CA VAL A 547 -5.78 -2.92 10.28
C VAL A 547 -4.54 -2.75 11.16
N MET A 548 -4.28 -1.55 11.66
CA MET A 548 -3.14 -1.34 12.53
C MET A 548 -3.16 -2.24 13.78
N GLU A 549 -4.32 -2.35 14.41
CA GLU A 549 -4.42 -3.15 15.61
C GLU A 549 -4.16 -4.62 15.29
N GLU A 550 -4.74 -5.11 14.19
CA GLU A 550 -4.58 -6.51 13.83
C GLU A 550 -3.14 -6.80 13.45
N PHE A 551 -2.50 -5.81 12.84
CA PHE A 551 -1.10 -5.89 12.43
C PHE A 551 -0.19 -6.06 13.63
N MET A 552 -0.41 -5.26 14.67
CA MET A 552 0.35 -5.43 15.90
C MET A 552 -0.04 -6.72 16.64
N ASN A 553 -1.35 -6.91 16.88
CA ASN A 553 -1.86 -8.07 17.61
C ASN A 553 -1.35 -9.40 17.07
N SER A 554 -1.26 -9.53 15.76
CA SER A 554 -0.98 -10.80 15.16
C SER A 554 0.48 -11.16 15.11
N HIS A 555 1.34 -10.28 15.56
CA HIS A 555 2.77 -10.56 15.59
C HIS A 555 3.09 -11.68 16.59
N ASP A 556 4.06 -12.49 16.21
CA ASP A 556 4.30 -13.84 16.75
C ASP A 556 3.20 -14.90 16.69
N HIS A 557 2.18 -14.68 15.87
CA HIS A 557 1.14 -15.61 15.56
C HIS A 557 1.14 -15.82 14.03
N VAL A 558 1.35 -14.73 13.31
CA VAL A 558 1.40 -14.68 11.87
C VAL A 558 2.69 -14.06 11.44
N PRO A 559 3.35 -14.65 10.48
CA PRO A 559 4.68 -14.17 10.06
C PRO A 559 4.64 -12.70 9.67
N ARG A 560 5.65 -11.93 10.08
CA ARG A 560 5.68 -10.50 9.85
C ARG A 560 5.64 -10.14 8.37
N GLN A 561 6.23 -11.00 7.53
CA GLN A 561 6.26 -10.74 6.09
C GLN A 561 4.88 -10.84 5.51
N VAL A 562 4.02 -11.62 6.16
CA VAL A 562 2.62 -11.67 5.76
C VAL A 562 1.90 -10.41 6.23
N LEU A 563 2.10 -10.05 7.49
CA LEU A 563 1.41 -8.90 8.08
C LEU A 563 1.74 -7.55 7.42
N LEU A 564 2.98 -7.38 6.97
CA LEU A 564 3.41 -6.14 6.32
C LEU A 564 2.76 -5.92 4.94
N ARG A 565 2.42 -6.97 4.25
CA ARG A 565 1.69 -6.84 3.03
C ARG A 565 0.38 -6.15 3.36
N CYS A 566 -0.27 -6.63 4.40
CA CYS A 566 -1.56 -6.11 4.81
C CYS A 566 -1.49 -4.63 5.17
N LEU A 567 -0.51 -4.26 5.98
CA LEU A 567 -0.32 -2.86 6.33
C LEU A 567 -0.03 -2.04 5.08
N ASN A 568 0.82 -2.57 4.20
CA ASN A 568 1.13 -1.85 2.95
C ASN A 568 -0.07 -1.71 1.99
N PHE A 569 -1.02 -2.65 2.00
CA PHE A 569 -2.28 -2.49 1.26
C PHE A 569 -2.98 -1.21 1.73
N ALA A 570 -3.07 -1.04 3.05
CA ALA A 570 -3.73 0.16 3.60
C ALA A 570 -3.01 1.42 3.15
N ARG A 571 -1.67 1.43 3.24
CA ARG A 571 -0.89 2.60 2.84
C ARG A 571 -1.00 2.85 1.34
N LEU A 572 -1.02 1.78 0.54
CA LEU A 572 -1.19 1.95 -0.89
C LEU A 572 -2.57 2.56 -1.24
N PHE A 573 -3.61 2.11 -0.54
CA PHE A 573 -4.94 2.64 -0.83
C PHE A 573 -5.01 4.14 -0.56
N ASP A 574 -4.34 4.61 0.50
CA ASP A 574 -4.29 6.07 0.75
C ASP A 574 -3.65 6.79 -0.42
N VAL A 575 -2.53 6.24 -0.87
CA VAL A 575 -1.74 6.83 -1.94
C VAL A 575 -2.56 6.99 -3.21
N MET A 576 -3.24 5.95 -3.59
CA MET A 576 -3.93 5.86 -4.83
C MET A 576 -5.28 6.58 -4.89
N TYR A 577 -6.01 6.62 -3.80
CA TYR A 577 -7.40 7.10 -3.86
C TYR A 577 -7.71 8.34 -3.03
N THR A 578 -6.92 8.63 -1.99
CA THR A 578 -7.29 9.74 -1.12
C THR A 578 -6.82 11.05 -1.72
N GLU A 579 -7.64 12.08 -1.53
CA GLU A 579 -7.48 13.39 -2.13
C GLU A 579 -7.84 14.46 -1.09
N GLY A 580 -6.94 14.85 -0.21
CA GLY A 580 -7.30 15.73 0.91
C GLY A 580 -8.26 15.03 1.84
N ASP A 581 -9.49 15.49 2.00
CA ASP A 581 -10.50 14.60 2.59
C ASP A 581 -11.24 13.74 1.61
N GLY A 582 -10.83 13.75 0.33
CA GLY A 582 -10.74 12.56 -0.52
C GLY A 582 -12.06 12.22 -1.16
N TYR A 583 -12.18 11.20 -1.99
CA TYR A 583 -11.18 10.51 -2.71
C TYR A 583 -11.07 11.01 -4.15
N SER A 584 -10.12 10.47 -4.88
CA SER A 584 -9.97 10.74 -6.31
C SER A 584 -9.40 9.55 -7.08
N GLU A 585 -9.30 9.71 -8.39
CA GLU A 585 -8.77 8.68 -9.27
C GLU A 585 -7.26 8.49 -9.08
N PRO A 586 -6.77 7.25 -9.20
CA PRO A 586 -5.35 6.93 -9.05
C PRO A 586 -4.45 7.57 -10.10
N LYS A 587 -4.92 7.70 -11.34
CA LYS A 587 -4.11 8.22 -12.44
C LYS A 587 -3.54 9.61 -12.14
N GLY A 588 -4.34 10.49 -11.56
CA GLY A 588 -3.87 11.81 -11.21
C GLY A 588 -2.86 11.80 -10.08
N LYS A 589 -3.02 10.86 -9.14
CA LYS A 589 -2.10 10.77 -8.01
C LYS A 589 -0.76 10.20 -8.49
N ILE A 590 -0.81 9.19 -9.35
CA ILE A 590 0.39 8.56 -9.91
C ILE A 590 1.24 9.55 -10.70
N GLU A 591 0.60 10.44 -11.46
CA GLU A 591 1.34 11.43 -12.24
C GLU A 591 2.17 12.37 -11.37
N HIS A 592 1.81 12.52 -10.10
CA HIS A 592 2.61 13.32 -9.19
C HIS A 592 4.00 12.71 -8.92
N PHE A 593 4.09 11.38 -8.82
CA PHE A 593 5.36 10.75 -8.47
C PHE A 593 5.94 9.79 -9.54
N MET A 594 5.36 9.83 -10.74
CA MET A 594 5.70 8.94 -11.83
C MET A 594 7.21 8.95 -12.16
N THR A 595 7.75 10.12 -12.48
CA THR A 595 9.12 10.20 -12.95
C THR A 595 10.13 10.04 -11.83
N SER A 596 9.79 10.47 -10.61
CA SER A 596 10.76 10.36 -9.53
C SER A 596 10.94 8.88 -9.19
N LEU A 597 9.87 8.13 -9.36
CA LEU A 597 9.87 6.71 -9.03
C LEU A 597 10.39 5.83 -10.17
N TYR A 598 10.01 6.16 -11.40
CA TYR A 598 10.18 5.21 -12.49
C TYR A 598 11.06 5.69 -13.61
N VAL A 599 11.61 6.89 -13.52
CA VAL A 599 12.38 7.41 -14.65
C VAL A 599 13.75 7.97 -14.25
N HIS A 600 13.76 8.90 -13.29
CA HIS A 600 15.01 9.58 -12.94
C HIS A 600 15.67 8.98 -11.72
N PRO A 601 16.91 8.56 -11.85
CA PRO A 601 17.68 8.13 -10.70
C PRO A 601 18.18 9.32 -9.90
N ILE A 602 18.50 9.08 -8.65
CA ILE A 602 19.16 10.07 -7.86
C ILE A 602 20.57 10.30 -8.36
N PRO A 603 20.91 11.55 -8.56
CA PRO A 603 22.27 11.90 -8.96
C PRO A 603 23.26 11.57 -7.86
N LEU A 604 24.22 10.76 -8.22
CA LEU A 604 25.22 10.37 -7.26
C LEU A 604 26.41 11.32 -7.32
MG MG B . -16.33 0.22 -7.96
MG MG C . -17.29 -3.77 -14.11
O11 PPV D . -14.82 -1.84 -10.09
P1 PPV D . -14.43 -2.51 -8.79
O21 PPV D . -15.62 -3.17 -8.15
O31 PPV D . -13.89 -1.53 -7.80
OPP PPV D . -13.31 -3.60 -9.03
P2 PPV D . -12.89 -4.60 -7.88
O12 PPV D . -13.81 -5.80 -7.91
O22 PPV D . -13.04 -3.90 -6.57
O32 PPV D . -11.45 -5.04 -8.07
#